data_8EHN
#
_entry.id   8EHN
#
_cell.length_a   67.499
_cell.length_b   102.347
_cell.length_c   100.739
_cell.angle_alpha   90.00
_cell.angle_beta   90.00
_cell.angle_gamma   90.00
#
_symmetry.space_group_name_H-M   'C 2 2 21'
#
loop_
_entity.id
_entity.type
_entity.pdbx_description
1 polymer 'Papain-like protease 2'
2 polymer 'Papain-like protease 2'
3 non-polymer 'ZINC ION'
4 non-polymer 'ACETATE ION'
5 water water
#
loop_
_entity_poly.entity_id
_entity_poly.type
_entity_poly.pdbx_seq_one_letter_code
_entity_poly.pdbx_strand_id
1 'polypeptide(L)'
;GAAGKRARAKRATKSGKDSALAPKIAPPVPTCGITTYSPPTDGSCGWHVLAAIVNRMINGDFTSPLPQYNRPEDDWASDY
DLAQAIQCLQLPATVVRNRACPNAKYLIKLNGVHWEVEVRSGMAPRSLSRECVVGVCSEGCVAPPYPADGLPKRALEALA
SAYRLPSDCVSSGIADFLADPPPQEFWTLDKMLTGSSGHHHHHH
;
A
2 'polypeptide(L)'
;GAAGKRARAKRATKSGKDSALAPKIAPPVPTCGITTYSPPTDGS(OCS)GWHVLAAIVNRMINGDFTSPLPQYNRPEDDW
ASDYDLAQAIQCLQLPATVVRNRACPNAKYLIKLNGVHWEVEVRSGMAPRSLSRECVVGVCSEGCVAPPYPADGLPKRAL
EALASAYRLPSDCVSSGIADFLADPPPQEFWTLDKMLTGSSGHHHHHH
;
B
#
# COMPACT_ATOMS: atom_id res chain seq x y z
N GLY A 33 -10.28 2.71 -5.06
CA GLY A 33 -9.24 1.79 -4.52
C GLY A 33 -7.87 2.44 -4.43
N ILE A 34 -7.42 2.74 -3.21
CA ILE A 34 -6.14 3.43 -3.00
C ILE A 34 -5.21 2.74 -1.99
N THR A 35 -3.91 2.88 -2.25
CA THR A 35 -2.88 2.36 -1.38
C THR A 35 -2.03 3.53 -0.90
N THR A 36 -1.91 3.68 0.42
CA THR A 36 -1.12 4.74 1.05
C THR A 36 0.12 4.13 1.71
N TYR A 37 1.29 4.69 1.40
CA TYR A 37 2.57 4.31 2.05
C TYR A 37 2.91 5.36 3.12
N SER A 38 3.08 4.90 4.35
CA SER A 38 3.55 5.70 5.47
C SER A 38 4.97 5.31 5.86
N PRO A 39 5.97 6.17 5.59
CA PRO A 39 7.36 5.83 5.88
C PRO A 39 7.67 5.80 7.37
N PRO A 40 8.79 5.19 7.78
CA PRO A 40 9.23 5.31 9.17
C PRO A 40 9.38 6.80 9.52
N THR A 41 9.04 7.18 10.74
CA THR A 41 9.11 8.58 11.17
C THR A 41 10.51 8.93 11.71
N ASP A 42 11.50 8.84 10.81
CA ASP A 42 12.89 9.11 11.16
C ASP A 42 13.25 10.58 10.90
N GLY A 43 12.34 11.29 10.24
CA GLY A 43 12.52 12.66 9.85
C GLY A 43 12.95 12.80 8.41
N SER A 44 13.33 11.68 7.77
CA SER A 44 13.58 11.63 6.33
C SER A 44 12.31 11.17 5.56
N CYS A 45 11.15 11.13 6.25
CA CYS A 45 9.83 10.76 5.69
C CYS A 45 9.63 11.20 4.23
N GLY A 46 9.86 12.48 3.97
CA GLY A 46 9.72 13.10 2.66
C GLY A 46 10.50 12.38 1.57
N TRP A 47 11.72 11.97 1.88
CA TRP A 47 12.59 11.31 0.88
C TRP A 47 12.24 9.82 0.74
N HIS A 48 11.68 9.24 1.81
CA HIS A 48 11.19 7.87 1.80
C HIS A 48 9.95 7.78 0.89
N VAL A 49 9.11 8.80 0.97
CA VAL A 49 7.94 8.93 0.10
C VAL A 49 8.35 8.91 -1.38
N LEU A 50 9.35 9.69 -1.75
CA LEU A 50 9.80 9.72 -3.16
C LEU A 50 10.44 8.40 -3.57
N ALA A 51 11.20 7.80 -2.63
CA ALA A 51 11.86 6.52 -2.86
C ALA A 51 10.80 5.46 -3.18
N ALA A 52 9.73 5.42 -2.37
CA ALA A 52 8.61 4.51 -2.56
C ALA A 52 7.94 4.65 -3.95
N ILE A 53 7.65 5.89 -4.36
CA ILE A 53 7.05 6.14 -5.67
C ILE A 53 7.92 5.50 -6.74
N VAL A 54 9.23 5.70 -6.63
CA VAL A 54 10.16 5.21 -7.66
C VAL A 54 10.28 3.69 -7.56
N ASN A 55 10.28 3.19 -6.32
CA ASN A 55 10.38 1.76 -6.05
C ASN A 55 9.16 1.01 -6.58
N ARG A 56 7.98 1.64 -6.48
CA ARG A 56 6.72 1.08 -7.02
C ARG A 56 6.75 1.13 -8.56
N MET A 57 7.10 2.27 -9.14
CA MET A 57 7.15 2.39 -10.61
C MET A 57 8.10 1.39 -11.23
N ILE A 58 9.25 1.20 -10.59
CA ILE A 58 10.29 0.33 -11.12
C ILE A 58 10.11 -1.17 -10.76
N ASN A 59 9.70 -1.47 -9.52
CA ASN A 59 9.65 -2.85 -9.04
C ASN A 59 8.30 -3.36 -8.58
N GLY A 60 7.30 -2.47 -8.54
CA GLY A 60 5.99 -2.80 -8.02
C GLY A 60 5.92 -2.78 -6.50
N ASP A 61 7.01 -2.33 -5.85
CA ASP A 61 7.15 -2.38 -4.41
C ASP A 61 7.00 -0.98 -3.82
N PHE A 62 5.85 -0.74 -3.19
CA PHE A 62 5.45 0.58 -2.75
C PHE A 62 5.93 0.81 -1.32
N THR A 63 7.26 0.88 -1.18
CA THR A 63 7.96 1.08 0.09
C THR A 63 9.30 1.72 -0.21
N SER A 64 9.89 2.37 0.79
CA SER A 64 11.21 2.98 0.64
C SER A 64 12.27 1.93 0.90
N PRO A 65 13.21 1.70 -0.04
CA PRO A 65 14.39 0.89 0.22
C PRO A 65 15.55 1.68 0.88
N LEU A 66 15.34 2.96 1.20
CA LEU A 66 16.39 3.79 1.79
C LEU A 66 16.59 3.44 3.26
N PRO A 67 17.85 3.27 3.72
CA PRO A 67 18.14 3.11 5.14
C PRO A 67 17.55 4.27 5.94
N GLN A 68 17.04 3.98 7.14
CA GLN A 68 16.55 5.02 8.01
C GLN A 68 17.66 6.00 8.31
N TYR A 69 17.29 7.29 8.39
CA TYR A 69 18.20 8.41 8.68
C TYR A 69 17.49 9.41 9.59
N ASN A 70 17.84 9.40 10.87
CA ASN A 70 17.23 10.25 11.86
C ASN A 70 17.77 11.67 11.67
N ARG A 71 16.83 12.61 11.53
CA ARG A 71 17.05 14.02 11.12
C ARG A 71 16.41 14.95 12.15
N PRO A 72 17.08 16.05 12.55
CA PRO A 72 16.42 17.08 13.36
C PRO A 72 15.28 17.74 12.55
N GLU A 73 14.23 18.19 13.24
CA GLU A 73 13.03 18.77 12.63
C GLU A 73 13.34 19.86 11.58
N ASP A 74 14.32 20.72 11.88
CA ASP A 74 14.83 21.74 10.95
C ASP A 74 15.31 21.26 9.57
N ASP A 75 15.57 19.96 9.45
CA ASP A 75 16.05 19.34 8.21
C ASP A 75 15.03 18.39 7.59
N TRP A 76 13.78 18.45 8.08
CA TRP A 76 12.68 17.70 7.49
C TRP A 76 12.42 18.26 6.10
N ALA A 77 12.24 17.39 5.11
CA ALA A 77 11.95 17.77 3.72
C ALA A 77 10.66 18.60 3.70
N SER A 78 10.73 19.74 3.00
CA SER A 78 9.64 20.70 2.92
C SER A 78 8.86 20.47 1.63
N ASP A 79 7.66 21.06 1.53
CA ASP A 79 6.84 20.96 0.32
C ASP A 79 7.67 21.36 -0.90
N TYR A 80 8.55 22.36 -0.71
CA TYR A 80 9.35 22.97 -1.80
C TYR A 80 10.46 21.99 -2.23
N ASP A 81 11.11 21.34 -1.24
CA ASP A 81 12.15 20.34 -1.51
C ASP A 81 11.58 19.19 -2.32
N LEU A 82 10.46 18.64 -1.83
CA LEU A 82 9.77 17.53 -2.51
C LEU A 82 9.41 17.88 -3.95
N ALA A 83 8.87 19.09 -4.16
CA ALA A 83 8.45 19.56 -5.47
C ALA A 83 9.60 19.67 -6.48
N GLN A 84 10.74 20.17 -6.00
CA GLN A 84 11.96 20.29 -6.81
C GLN A 84 12.53 18.91 -7.18
N ALA A 85 12.46 17.97 -6.24
CA ALA A 85 12.94 16.60 -6.45
C ALA A 85 12.04 15.85 -7.39
N ILE A 86 10.72 16.01 -7.24
CA ILE A 86 9.74 15.47 -8.19
C ILE A 86 10.16 15.84 -9.62
N GLN A 87 10.48 17.11 -9.86
CA GLN A 87 10.90 17.55 -11.20
C GLN A 87 12.25 16.98 -11.68
N CYS A 88 13.23 16.86 -10.78
CA CYS A 88 14.51 16.21 -11.10
C CYS A 88 14.29 14.77 -11.51
N LEU A 89 13.51 14.04 -10.72
CA LEU A 89 13.21 12.64 -10.94
C LEU A 89 12.11 12.41 -11.99
N GLN A 90 11.44 13.50 -12.40
CA GLN A 90 10.35 13.48 -13.38
C GLN A 90 9.24 12.49 -12.99
N LEU A 91 8.77 12.62 -11.75
CA LEU A 91 7.76 11.73 -11.19
C LEU A 91 6.34 12.22 -11.48
N PRO A 92 5.40 11.31 -11.80
CA PRO A 92 3.99 11.69 -11.93
C PRO A 92 3.35 11.83 -10.53
N ALA A 93 3.88 12.78 -9.72
CA ALA A 93 3.41 13.01 -8.36
C ALA A 93 3.04 14.49 -8.09
N THR A 94 2.18 14.72 -7.09
CA THR A 94 1.74 16.05 -6.68
C THR A 94 1.82 16.15 -5.15
N VAL A 95 2.03 17.36 -4.64
CA VAL A 95 1.92 17.66 -3.23
C VAL A 95 0.57 18.31 -3.08
N VAL A 96 -0.36 17.65 -2.38
CA VAL A 96 -1.73 18.14 -2.31
C VAL A 96 -1.85 19.15 -1.17
N ARG A 97 -2.69 20.16 -1.41
CA ARG A 97 -2.94 21.33 -0.53
C ARG A 97 -4.43 21.38 -0.17
N ASN A 98 -5.26 21.78 -1.15
CA ASN A 98 -6.71 21.81 -1.03
C ASN A 98 -7.26 20.70 -1.91
N ARG A 99 -7.50 21.01 -3.19
CA ARG A 99 -7.89 20.04 -4.24
C ARG A 99 -6.64 19.24 -4.66
N ALA A 100 -6.78 17.93 -4.80
CA ALA A 100 -5.77 17.08 -5.41
C ALA A 100 -5.92 17.11 -6.93
N CYS A 101 -4.79 17.23 -7.62
CA CYS A 101 -4.73 17.20 -9.05
C CYS A 101 -5.31 15.88 -9.56
N PRO A 102 -6.35 15.93 -10.43
CA PRO A 102 -6.99 14.71 -10.93
C PRO A 102 -6.11 13.96 -11.94
N ASN A 103 -5.07 14.62 -12.47
CA ASN A 103 -4.11 14.00 -13.39
C ASN A 103 -2.91 13.29 -12.74
N ALA A 104 -2.79 13.37 -11.42
CA ALA A 104 -1.62 12.86 -10.70
C ALA A 104 -1.85 11.42 -10.26
N LYS A 105 -0.96 10.53 -10.69
CA LYS A 105 -1.01 9.15 -10.21
C LYS A 105 -0.68 9.01 -8.71
N TYR A 106 0.36 9.74 -8.25
CA TYR A 106 0.83 9.69 -6.84
C TYR A 106 0.47 11.00 -6.13
N LEU A 107 -0.09 10.89 -4.92
CA LEU A 107 -0.53 12.02 -4.13
C LEU A 107 0.24 12.05 -2.82
N ILE A 108 1.17 13.01 -2.71
CA ILE A 108 1.92 13.25 -1.48
C ILE A 108 1.08 14.15 -0.55
N LYS A 109 0.85 13.67 0.68
CA LYS A 109 0.11 14.36 1.72
C LYS A 109 0.86 14.28 3.01
N LEU A 110 0.53 15.19 3.94
CA LEU A 110 0.98 15.03 5.31
C LEU A 110 -0.19 15.01 6.28
N ASN A 111 -0.31 13.91 7.03
CA ASN A 111 -1.20 13.83 8.18
C ASN A 111 -0.39 14.07 9.45
N GLY A 112 -0.83 15.05 10.24
CA GLY A 112 -0.03 15.61 11.30
C GLY A 112 1.10 16.37 10.63
N VAL A 113 2.33 15.94 10.90
CA VAL A 113 3.52 16.60 10.36
C VAL A 113 4.44 15.60 9.64
N HIS A 114 3.84 14.47 9.19
CA HIS A 114 4.58 13.41 8.54
C HIS A 114 4.06 13.18 7.15
N TRP A 115 4.99 13.10 6.19
CA TRP A 115 4.67 12.86 4.80
C TRP A 115 4.20 11.41 4.59
N GLU A 116 3.18 11.26 3.74
CA GLU A 116 2.70 9.98 3.22
C GLU A 116 2.42 10.15 1.75
N VAL A 117 2.28 9.03 1.04
CA VAL A 117 1.97 9.05 -0.38
C VAL A 117 0.93 7.97 -0.76
N GLU A 118 -0.06 8.40 -1.54
CA GLU A 118 -1.10 7.55 -2.06
C GLU A 118 -0.82 7.30 -3.51
N VAL A 119 -1.14 6.07 -3.97
CA VAL A 119 -1.15 5.75 -5.39
C VAL A 119 -2.56 5.39 -5.78
N ARG A 120 -2.99 5.91 -6.94
CA ARG A 120 -4.24 5.51 -7.66
C ARG A 120 -3.91 4.26 -8.47
N SER A 121 -4.35 3.08 -8.02
CA SER A 121 -3.69 1.82 -8.39
C SER A 121 -3.80 1.51 -9.87
N GLY A 122 -4.99 1.76 -10.44
CA GLY A 122 -5.23 1.62 -11.86
C GLY A 122 -4.44 2.70 -12.58
N MET A 123 -5.16 3.70 -13.07
CA MET A 123 -4.60 4.94 -13.64
C MET A 123 -3.21 4.87 -14.25
N ALA A 124 -3.15 5.12 -15.55
CA ALA A 124 -1.90 5.36 -16.25
C ALA A 124 -1.31 6.69 -15.75
N PRO A 125 0.02 6.78 -15.56
CA PRO A 125 0.65 8.03 -15.14
C PRO A 125 0.60 9.08 -16.26
N ARG A 126 0.45 10.35 -15.88
CA ARG A 126 0.45 11.51 -16.80
C ARG A 126 1.62 12.43 -16.40
N SER A 127 2.31 13.00 -17.40
CA SER A 127 3.31 14.03 -17.17
C SER A 127 2.62 15.29 -16.69
N LEU A 128 3.00 15.77 -15.50
CA LEU A 128 2.37 16.91 -14.83
C LEU A 128 3.17 18.18 -15.05
N SER A 129 2.47 19.32 -15.06
CA SER A 129 3.10 20.64 -15.09
C SER A 129 3.52 21.03 -13.69
N ARG A 130 4.32 22.10 -13.58
CA ARG A 130 4.83 22.62 -12.28
C ARG A 130 3.65 22.89 -11.35
N GLU A 131 2.59 23.51 -11.87
CA GLU A 131 1.40 23.87 -11.08
C GLU A 131 0.71 22.65 -10.52
N CYS A 132 0.60 21.60 -11.34
CA CYS A 132 0.02 20.32 -10.91
C CYS A 132 0.91 19.70 -9.82
N VAL A 133 2.22 19.68 -10.06
CA VAL A 133 3.19 19.10 -9.11
C VAL A 133 3.12 19.81 -7.75
N VAL A 134 3.03 21.14 -7.78
CA VAL A 134 3.07 21.96 -6.59
C VAL A 134 1.71 21.96 -5.86
N GLY A 135 0.65 21.55 -6.57
CA GLY A 135 -0.68 21.39 -6.00
C GLY A 135 -1.52 22.64 -6.00
N VAL A 136 -1.33 23.49 -7.03
CA VAL A 136 -2.07 24.74 -7.18
C VAL A 136 -2.78 24.84 -8.53
N CYS A 137 -2.90 23.71 -9.23
CA CYS A 137 -3.55 23.64 -10.53
C CYS A 137 -5.05 23.90 -10.33
N SER A 138 -5.67 24.61 -11.28
CA SER A 138 -7.07 24.99 -11.14
C SER A 138 -8.01 23.98 -11.81
N GLU A 139 -9.30 24.08 -11.45
CA GLU A 139 -10.35 23.16 -11.88
C GLU A 139 -10.25 22.82 -13.37
N GLY A 140 -10.09 21.53 -13.66
CA GLY A 140 -10.04 21.02 -15.01
C GLY A 140 -8.75 21.32 -15.72
N CYS A 141 -7.62 21.15 -15.03
CA CYS A 141 -6.29 21.15 -15.63
C CYS A 141 -6.14 19.93 -16.57
N VAL A 142 -5.15 20.01 -17.47
CA VAL A 142 -4.92 18.99 -18.50
C VAL A 142 -3.45 18.51 -18.52
N ALA A 143 -3.26 17.19 -18.65
CA ALA A 143 -1.95 16.55 -18.65
C ALA A 143 -1.86 15.46 -19.73
N PRO A 144 -0.75 15.36 -20.47
CA PRO A 144 -0.57 14.30 -21.47
C PRO A 144 -0.10 12.98 -20.84
N PRO A 145 -0.19 11.84 -21.58
CA PRO A 145 0.32 10.57 -21.08
C PRO A 145 1.82 10.66 -20.72
N TYR A 146 2.22 10.04 -19.61
CA TYR A 146 3.64 9.88 -19.18
C TYR A 146 4.29 8.83 -20.07
N PRO A 147 5.42 9.12 -20.75
CA PRO A 147 6.06 8.16 -21.66
C PRO A 147 6.82 7.02 -20.95
N ALA A 148 7.04 5.91 -21.68
CA ALA A 148 7.72 4.73 -21.14
C ALA A 148 9.14 5.05 -20.69
N ASP A 149 9.78 5.98 -21.41
CA ASP A 149 11.14 6.44 -21.13
C ASP A 149 11.18 7.69 -20.24
N GLY A 150 10.06 7.99 -19.57
CA GLY A 150 9.90 9.20 -18.79
C GLY A 150 10.77 9.28 -17.54
N LEU A 151 11.05 8.12 -16.93
CA LEU A 151 11.77 8.03 -15.67
C LEU A 151 13.26 7.92 -15.93
N PRO A 152 14.13 8.68 -15.20
CA PRO A 152 15.58 8.60 -15.40
C PRO A 152 16.16 7.19 -15.18
N LYS A 153 17.06 6.78 -16.07
CA LYS A 153 17.75 5.49 -16.05
C LYS A 153 17.84 4.85 -14.65
N ARG A 154 18.54 5.52 -13.73
CA ARG A 154 18.91 5.00 -12.39
C ARG A 154 18.51 6.05 -11.35
N ALA A 155 17.22 6.40 -11.35
CA ALA A 155 16.65 7.47 -10.53
C ALA A 155 16.78 7.23 -9.03
N LEU A 156 16.68 5.96 -8.65
CA LEU A 156 16.68 5.55 -7.23
C LEU A 156 18.10 5.56 -6.60
N GLU A 157 19.11 5.27 -7.43
CA GLU A 157 20.49 5.38 -7.02
C GLU A 157 20.74 6.85 -6.75
N ALA A 158 20.34 7.70 -7.71
CA ALA A 158 20.45 9.15 -7.56
C ALA A 158 19.89 9.61 -6.20
N LEU A 159 18.66 9.19 -5.88
CA LEU A 159 18.02 9.59 -4.63
C LEU A 159 18.76 9.06 -3.39
N ALA A 160 19.27 7.83 -3.49
CA ALA A 160 20.07 7.21 -2.45
C ALA A 160 21.31 8.02 -2.09
N SER A 161 22.04 8.48 -3.12
CA SER A 161 23.26 9.26 -2.95
C SER A 161 23.01 10.60 -2.25
N ALA A 162 21.84 11.19 -2.48
CA ALA A 162 21.57 12.59 -2.14
C ALA A 162 20.74 12.86 -0.89
N TYR A 163 19.99 11.86 -0.41
CA TYR A 163 18.92 12.08 0.61
C TYR A 163 19.52 12.39 2.00
N ARG A 164 20.79 12.04 2.28
CA ARG A 164 21.42 12.35 3.59
C ARG A 164 22.05 13.75 3.58
N LEU A 165 22.19 14.37 2.41
CA LEU A 165 22.52 15.80 2.32
C LEU A 165 21.46 16.61 3.06
N PRO A 166 21.72 17.87 3.44
CA PRO A 166 20.67 18.75 3.98
C PRO A 166 19.47 18.76 3.01
N SER A 167 18.25 18.74 3.53
CA SER A 167 17.06 18.57 2.72
C SER A 167 16.97 19.52 1.51
N ASP A 168 17.40 20.76 1.70
CA ASP A 168 17.33 21.80 0.66
C ASP A 168 18.43 21.65 -0.42
N CYS A 169 19.40 20.75 -0.18
CA CYS A 169 20.46 20.42 -1.13
C CYS A 169 20.23 19.11 -1.91
N VAL A 170 19.26 18.30 -1.46
CA VAL A 170 19.05 16.96 -2.00
C VAL A 170 18.79 16.98 -3.50
N SER A 171 17.91 17.88 -3.96
CA SER A 171 17.55 17.97 -5.37
C SER A 171 18.77 18.21 -6.25
N SER A 172 19.59 19.17 -5.83
CA SER A 172 20.87 19.45 -6.50
C SER A 172 21.75 18.22 -6.52
N GLY A 173 21.79 17.50 -5.40
CA GLY A 173 22.45 16.20 -5.30
C GLY A 173 21.93 15.24 -6.37
N ILE A 174 20.62 15.00 -6.37
CA ILE A 174 19.98 14.13 -7.36
C ILE A 174 20.39 14.52 -8.77
N ALA A 175 20.24 15.82 -9.09
CA ALA A 175 20.58 16.35 -10.40
C ALA A 175 22.05 16.11 -10.77
N ASP A 176 22.95 16.30 -9.80
CA ASP A 176 24.39 16.03 -9.97
C ASP A 176 24.62 14.60 -10.44
N PHE A 177 24.03 13.63 -9.71
CA PHE A 177 24.13 12.20 -10.02
C PHE A 177 23.67 11.88 -11.45
N LEU A 178 22.52 12.43 -11.85
CA LEU A 178 21.91 12.15 -13.14
C LEU A 178 22.66 12.76 -14.33
N ALA A 179 23.57 13.70 -14.04
CA ALA A 179 24.43 14.31 -15.04
C ALA A 179 25.71 13.50 -15.27
N ASP A 180 26.21 12.81 -14.23
CA ASP A 180 27.33 11.86 -14.37
C ASP A 180 27.48 10.95 -13.16
N PRO A 181 26.97 9.69 -13.23
CA PRO A 181 27.21 8.68 -12.18
C PRO A 181 28.19 7.57 -12.54
N PRO A 182 28.68 6.78 -11.55
CA PRO A 182 29.77 5.82 -11.77
C PRO A 182 29.34 4.44 -12.26
N CYS B 32 7.20 1.58 11.44
CA CYS B 32 8.53 1.41 10.77
C CYS B 32 8.38 0.99 9.31
N GLY B 33 7.50 1.72 8.61
CA GLY B 33 7.16 1.49 7.22
C GLY B 33 5.94 0.59 7.09
N ILE B 34 4.75 1.18 6.88
CA ILE B 34 3.54 0.44 6.57
C ILE B 34 2.81 0.94 5.32
N THR B 35 2.22 -0.02 4.60
CA THR B 35 1.53 0.19 3.36
C THR B 35 0.11 -0.33 3.57
N THR B 36 -0.87 0.54 3.36
CA THR B 36 -2.28 0.27 3.62
C THR B 36 -3.00 0.24 2.29
N TYR B 37 -3.73 -0.86 2.04
CA TYR B 37 -4.62 -0.99 0.86
C TYR B 37 -6.04 -0.65 1.29
N SER B 38 -6.64 0.31 0.58
CA SER B 38 -7.99 0.77 0.81
C SER B 38 -8.84 0.39 -0.40
N PRO B 39 -9.71 -0.64 -0.28
CA PRO B 39 -10.45 -1.15 -1.42
C PRO B 39 -11.52 -0.16 -1.91
N PRO B 40 -12.02 -0.32 -3.15
CA PRO B 40 -13.18 0.46 -3.60
C PRO B 40 -14.33 0.27 -2.60
N THR B 41 -15.10 1.33 -2.35
CA THR B 41 -16.20 1.31 -1.39
C THR B 41 -17.49 0.83 -2.06
N ASP B 42 -17.48 -0.43 -2.49
CA ASP B 42 -18.64 -1.08 -3.09
C ASP B 42 -19.49 -1.79 -2.02
N GLY B 43 -18.95 -1.87 -0.80
CA GLY B 43 -19.57 -2.55 0.32
C GLY B 43 -19.01 -3.94 0.53
N SER B 44 -18.26 -4.45 -0.45
CA SER B 44 -17.56 -5.73 -0.36
C SER B 44 -16.08 -5.56 0.09
N GLY B 46 -14.46 -5.68 2.86
CA GLY B 46 -13.94 -6.76 3.69
C GLY B 46 -13.29 -7.87 2.89
N TRP B 47 -13.94 -8.26 1.79
CA TRP B 47 -13.49 -9.39 0.99
C TRP B 47 -12.42 -8.96 0.00
N HIS B 48 -12.44 -7.68 -0.39
CA HIS B 48 -11.38 -7.06 -1.21
C HIS B 48 -10.07 -7.02 -0.42
N VAL B 49 -10.18 -6.71 0.87
CA VAL B 49 -9.05 -6.73 1.80
C VAL B 49 -8.38 -8.12 1.81
N LEU B 50 -9.16 -9.19 1.98
CA LEU B 50 -8.59 -10.54 1.98
C LEU B 50 -8.01 -10.93 0.64
N ALA B 51 -8.68 -10.49 -0.43
CA ALA B 51 -8.25 -10.77 -1.80
C ALA B 51 -6.88 -10.13 -2.04
N ALA B 52 -6.71 -8.87 -1.59
CA ALA B 52 -5.43 -8.16 -1.67
C ALA B 52 -4.29 -8.89 -0.94
N ILE B 53 -4.55 -9.31 0.30
CA ILE B 53 -3.56 -10.05 1.07
C ILE B 53 -3.08 -11.25 0.24
N VAL B 54 -4.03 -11.97 -0.36
CA VAL B 54 -3.71 -13.20 -1.11
C VAL B 54 -3.00 -12.84 -2.41
N ASN B 55 -3.47 -11.77 -3.05
CA ASN B 55 -2.92 -11.32 -4.30
C ASN B 55 -1.47 -10.84 -4.12
N ARG B 56 -1.17 -10.20 -2.99
CA ARG B 56 0.20 -9.77 -2.63
C ARG B 56 1.07 -11.00 -2.33
N MET B 57 0.60 -11.91 -1.47
CA MET B 57 1.37 -13.10 -1.12
C MET B 57 1.72 -13.93 -2.33
N ILE B 58 0.77 -14.07 -3.25
CA ILE B 58 0.94 -14.93 -4.42
C ILE B 58 1.64 -14.22 -5.60
N ASN B 59 1.30 -12.95 -5.86
CA ASN B 59 1.80 -12.24 -7.05
C ASN B 59 2.63 -10.99 -6.81
N GLY B 60 2.66 -10.52 -5.56
CA GLY B 60 3.28 -9.26 -5.22
C GLY B 60 2.41 -8.06 -5.51
N ASP B 61 1.14 -8.29 -5.86
CA ASP B 61 0.20 -7.21 -6.15
C ASP B 61 -0.78 -6.97 -5.00
N PHE B 62 -0.57 -5.89 -4.24
CA PHE B 62 -1.36 -5.59 -3.03
C PHE B 62 -2.61 -4.80 -3.36
N THR B 63 -3.50 -5.46 -4.12
CA THR B 63 -4.80 -4.95 -4.55
C THR B 63 -5.75 -6.13 -4.74
N SER B 64 -7.05 -5.85 -4.70
CA SER B 64 -8.06 -6.87 -4.93
C SER B 64 -8.26 -7.08 -6.43
N PRO B 65 -8.12 -8.32 -6.96
CA PRO B 65 -8.50 -8.62 -8.33
C PRO B 65 -9.99 -9.00 -8.46
N LEU B 66 -10.76 -8.91 -7.37
CA LEU B 66 -12.17 -9.29 -7.38
C LEU B 66 -12.96 -8.19 -8.07
N PRO B 67 -13.89 -8.54 -8.99
CA PRO B 67 -14.79 -7.54 -9.58
C PRO B 67 -15.54 -6.81 -8.46
N GLN B 68 -15.79 -5.51 -8.65
CA GLN B 68 -16.61 -4.75 -7.74
C GLN B 68 -17.97 -5.45 -7.64
N TYR B 69 -18.54 -5.44 -6.43
CA TYR B 69 -19.90 -5.93 -6.15
C TYR B 69 -20.54 -4.99 -5.14
N ASN B 70 -21.41 -4.10 -5.64
CA ASN B 70 -22.16 -3.18 -4.81
C ASN B 70 -23.16 -4.02 -4.01
N ARG B 71 -23.10 -3.87 -2.70
CA ARG B 71 -23.65 -4.81 -1.69
C ARG B 71 -24.80 -4.12 -0.95
N PRO B 72 -25.82 -4.87 -0.50
CA PRO B 72 -26.80 -4.34 0.46
C PRO B 72 -26.12 -3.77 1.71
N GLU B 73 -26.69 -2.68 2.26
CA GLU B 73 -25.99 -1.83 3.23
C GLU B 73 -25.55 -2.62 4.47
N ASP B 74 -26.45 -3.48 4.95
CA ASP B 74 -26.11 -4.57 5.86
C ASP B 74 -25.83 -5.74 4.91
N ASP B 75 -24.99 -6.67 5.37
CA ASP B 75 -24.25 -7.62 4.56
C ASP B 75 -22.79 -7.20 4.27
N TRP B 76 -22.38 -6.06 4.85
CA TRP B 76 -20.98 -5.70 4.93
C TRP B 76 -20.34 -6.72 5.86
N ALA B 77 -19.15 -7.20 5.48
CA ALA B 77 -18.41 -8.22 6.24
C ALA B 77 -18.13 -7.77 7.66
N SER B 78 -18.33 -8.69 8.63
CA SER B 78 -18.05 -8.41 10.04
C SER B 78 -16.67 -8.90 10.44
N ASP B 79 -16.17 -8.40 11.58
CA ASP B 79 -14.91 -8.85 12.14
C ASP B 79 -14.85 -10.37 12.23
N TYR B 80 -15.99 -10.99 12.55
CA TYR B 80 -16.08 -12.45 12.80
C TYR B 80 -15.99 -13.20 11.46
N ASP B 81 -16.64 -12.66 10.44
CA ASP B 81 -16.62 -13.25 9.10
C ASP B 81 -15.18 -13.26 8.58
N LEU B 82 -14.54 -12.09 8.61
CA LEU B 82 -13.17 -11.94 8.17
C LEU B 82 -12.21 -12.91 8.88
N ALA B 83 -12.37 -13.03 10.21
CA ALA B 83 -11.54 -13.90 11.04
C ALA B 83 -11.63 -15.39 10.67
N GLN B 84 -12.86 -15.84 10.37
CA GLN B 84 -13.10 -17.22 9.99
C GLN B 84 -12.55 -17.52 8.60
N ALA B 85 -12.61 -16.53 7.72
CA ALA B 85 -12.07 -16.64 6.38
C ALA B 85 -10.52 -16.65 6.41
N ILE B 86 -9.93 -15.76 7.23
CA ILE B 86 -8.49 -15.79 7.48
C ILE B 86 -8.03 -17.24 7.77
N GLN B 87 -8.74 -17.92 8.66
CA GLN B 87 -8.39 -19.30 9.03
C GLN B 87 -8.59 -20.34 7.91
N CYS B 88 -9.66 -20.20 7.12
CA CYS B 88 -9.87 -21.03 5.93
C CYS B 88 -8.74 -20.87 4.93
N LEU B 89 -8.40 -19.61 4.64
CA LEU B 89 -7.34 -19.28 3.69
C LEU B 89 -5.92 -19.39 4.29
N GLN B 90 -5.84 -19.57 5.62
CA GLN B 90 -4.58 -19.74 6.35
C GLN B 90 -3.63 -18.56 6.11
N LEU B 91 -4.15 -17.35 6.29
CA LEU B 91 -3.44 -16.12 6.02
C LEU B 91 -2.72 -15.64 7.27
N PRO B 92 -1.49 -15.09 7.15
CA PRO B 92 -0.78 -14.50 8.29
C PRO B 92 -1.36 -13.12 8.60
N ALA B 93 -2.65 -13.07 8.94
CA ALA B 93 -3.40 -11.83 9.12
C ALA B 93 -4.17 -11.83 10.43
N THR B 94 -4.45 -10.63 10.94
CA THR B 94 -5.19 -10.44 12.20
C THR B 94 -6.24 -9.36 11.98
N VAL B 95 -7.33 -9.45 12.75
CA VAL B 95 -8.34 -8.40 12.80
C VAL B 95 -8.04 -7.66 14.08
N VAL B 96 -7.62 -6.39 13.96
CA VAL B 96 -7.24 -5.62 15.13
C VAL B 96 -8.49 -4.84 15.51
N ARG B 97 -8.68 -4.67 16.81
CA ARG B 97 -9.70 -3.75 17.41
C ARG B 97 -8.95 -2.72 18.28
N ASN B 98 -8.23 -3.18 19.31
CA ASN B 98 -7.37 -2.33 20.12
C ASN B 98 -5.92 -2.65 19.82
N ARG B 99 -5.35 -3.62 20.53
CA ARG B 99 -3.91 -4.02 20.42
C ARG B 99 -3.73 -4.89 19.17
N ALA B 100 -2.69 -4.60 18.38
CA ALA B 100 -2.38 -5.37 17.19
C ALA B 100 -1.39 -6.46 17.55
N CYS B 101 -1.64 -7.68 17.06
CA CYS B 101 -0.77 -8.82 17.28
C CYS B 101 0.59 -8.49 16.69
N PRO B 102 1.69 -8.55 17.49
CA PRO B 102 3.03 -8.23 16.99
C PRO B 102 3.58 -9.30 16.02
N ASN B 103 2.97 -10.49 15.99
CA ASN B 103 3.34 -11.55 15.02
C ASN B 103 2.64 -11.54 13.67
N ALA B 104 1.69 -10.63 13.48
CA ALA B 104 0.89 -10.60 12.25
C ALA B 104 1.53 -9.72 11.19
N LYS B 105 1.79 -10.31 10.01
CA LYS B 105 2.28 -9.53 8.88
C LYS B 105 1.22 -8.56 8.33
N TYR B 106 -0.04 -9.00 8.22
CA TYR B 106 -1.18 -8.20 7.69
C TYR B 106 -2.12 -7.82 8.83
N LEU B 107 -2.48 -6.53 8.90
CA LEU B 107 -3.36 -5.99 9.94
C LEU B 107 -4.62 -5.45 9.30
N ILE B 108 -5.74 -6.15 9.55
CA ILE B 108 -7.04 -5.72 9.05
C ILE B 108 -7.68 -4.76 10.04
N LYS B 109 -8.03 -3.56 9.56
CA LYS B 109 -8.57 -2.47 10.38
C LYS B 109 -9.69 -1.76 9.63
N LEU B 110 -10.56 -1.06 10.36
CA LEU B 110 -11.55 -0.23 9.71
C LEU B 110 -11.49 1.20 10.23
N ASN B 111 -11.27 2.16 9.32
CA ASN B 111 -11.40 3.58 9.59
C ASN B 111 -12.76 4.04 9.08
N GLY B 112 -13.55 4.63 9.98
CA GLY B 112 -14.97 4.83 9.78
C GLY B 112 -15.61 3.46 9.81
N VAL B 113 -16.24 3.08 8.69
CA VAL B 113 -16.90 1.80 8.56
C VAL B 113 -16.44 1.08 7.30
N HIS B 114 -15.21 1.38 6.86
CA HIS B 114 -14.63 0.72 5.70
C HIS B 114 -13.38 -0.03 6.11
N TRP B 115 -13.29 -1.29 5.70
CA TRP B 115 -12.15 -2.14 5.97
C TRP B 115 -10.95 -1.70 5.12
N GLU B 116 -9.77 -1.75 5.74
CA GLU B 116 -8.48 -1.56 5.11
C GLU B 116 -7.54 -2.60 5.68
N VAL B 117 -6.42 -2.80 4.99
CA VAL B 117 -5.41 -3.74 5.42
C VAL B 117 -4.00 -3.15 5.26
N GLU B 118 -3.23 -3.28 6.33
CA GLU B 118 -1.84 -2.86 6.38
C GLU B 118 -0.97 -4.08 6.24
N VAL B 119 0.11 -3.93 5.48
CA VAL B 119 1.18 -4.90 5.46
C VAL B 119 2.42 -4.23 6.06
N ARG B 120 3.07 -4.96 6.97
CA ARG B 120 4.33 -4.54 7.62
C ARG B 120 5.52 -4.89 6.72
N SER B 121 6.28 -3.87 6.34
CA SER B 121 7.52 -4.04 5.63
C SER B 121 8.58 -4.57 6.61
N GLY B 122 9.62 -5.20 6.07
CA GLY B 122 10.70 -5.80 6.84
C GLY B 122 10.26 -6.79 7.90
N MET B 123 9.32 -7.67 7.55
CA MET B 123 8.72 -8.63 8.47
C MET B 123 8.47 -9.97 7.80
N ALA B 124 9.05 -11.05 8.36
CA ALA B 124 8.68 -12.40 7.99
C ALA B 124 7.25 -12.68 8.45
N PRO B 125 6.41 -13.36 7.64
CA PRO B 125 5.08 -13.77 8.10
C PRO B 125 5.21 -14.92 9.11
N ARG B 126 4.30 -14.95 10.08
CA ARG B 126 4.14 -16.05 11.06
C ARG B 126 2.78 -16.71 10.85
N SER B 127 2.72 -18.04 11.03
CA SER B 127 1.47 -18.77 11.21
C SER B 127 0.94 -18.37 12.57
N LEU B 128 -0.27 -17.80 12.57
CA LEU B 128 -0.91 -17.25 13.74
C LEU B 128 -1.91 -18.28 14.27
N SER B 129 -2.13 -18.27 15.59
CA SER B 129 -3.15 -19.05 16.26
C SER B 129 -4.49 -18.33 16.13
N ARG B 130 -5.58 -19.03 16.48
CA ARG B 130 -6.96 -18.49 16.50
C ARG B 130 -6.99 -17.14 17.22
N GLU B 131 -6.37 -17.10 18.39
CA GLU B 131 -6.37 -15.93 19.28
C GLU B 131 -5.70 -14.75 18.61
N CYS B 132 -4.56 -15.00 17.96
CA CYS B 132 -3.81 -13.97 17.25
C CYS B 132 -4.68 -13.46 16.05
N VAL B 133 -5.26 -14.40 15.31
CA VAL B 133 -6.11 -14.07 14.14
C VAL B 133 -7.29 -13.18 14.54
N VAL B 134 -7.93 -13.53 15.65
CA VAL B 134 -9.14 -12.86 16.13
C VAL B 134 -8.81 -11.52 16.79
N GLY B 135 -7.54 -11.35 17.20
CA GLY B 135 -7.06 -10.14 17.86
C GLY B 135 -7.34 -10.08 19.35
N VAL B 136 -7.28 -11.24 20.03
CA VAL B 136 -7.44 -11.33 21.48
C VAL B 136 -6.24 -11.99 22.16
N CYS B 137 -5.11 -12.05 21.43
CA CYS B 137 -3.86 -12.59 21.94
C CYS B 137 -3.34 -11.63 23.01
N SER B 138 -2.73 -12.16 24.07
CA SER B 138 -2.25 -11.35 25.18
C SER B 138 -0.79 -10.91 25.00
N GLU B 139 -0.39 -9.94 25.82
CA GLU B 139 0.93 -9.30 25.74
C GLU B 139 2.05 -10.33 25.64
N GLY B 140 2.84 -10.25 24.55
CA GLY B 140 3.96 -11.15 24.33
C GLY B 140 3.56 -12.57 23.96
N CYS B 141 2.62 -12.69 23.02
CA CYS B 141 2.25 -13.96 22.41
C CYS B 141 3.40 -14.49 21.53
N VAL B 142 3.36 -15.79 21.21
CA VAL B 142 4.38 -16.46 20.39
C VAL B 142 3.76 -17.20 19.20
N ALA B 143 4.38 -17.04 18.03
CA ALA B 143 3.94 -17.61 16.76
C ALA B 143 5.16 -18.09 15.97
N PRO B 144 5.09 -19.29 15.33
CA PRO B 144 6.19 -19.79 14.51
C PRO B 144 6.23 -19.19 13.11
N PRO B 145 7.37 -19.34 12.38
CA PRO B 145 7.47 -18.90 11.00
C PRO B 145 6.37 -19.51 10.10
N TYR B 146 5.82 -18.70 9.19
CA TYR B 146 4.85 -19.12 8.15
C TYR B 146 5.59 -19.94 7.10
N PRO B 147 5.16 -21.19 6.80
CA PRO B 147 5.90 -22.06 5.88
C PRO B 147 5.71 -21.72 4.39
N ALA B 148 6.64 -22.20 3.54
CA ALA B 148 6.61 -21.97 2.10
C ALA B 148 5.32 -22.51 1.47
N ASP B 149 4.82 -23.63 2.03
CA ASP B 149 3.60 -24.28 1.56
C ASP B 149 2.35 -23.82 2.33
N GLY B 150 2.46 -22.69 3.03
CA GLY B 150 1.43 -22.22 3.95
C GLY B 150 0.09 -21.84 3.37
N LEU B 151 0.09 -21.29 2.15
CA LEU B 151 -1.13 -20.82 1.49
C LEU B 151 -1.76 -21.95 0.67
N PRO B 152 -3.10 -22.17 0.77
CA PRO B 152 -3.76 -23.21 -0.02
C PRO B 152 -3.61 -23.03 -1.54
N LYS B 153 -3.37 -24.15 -2.24
CA LYS B 153 -3.24 -24.24 -3.69
C LYS B 153 -3.85 -23.06 -4.48
N ARG B 154 -5.17 -22.90 -4.41
CA ARG B 154 -5.94 -21.96 -5.27
C ARG B 154 -6.46 -20.78 -4.45
N ALA B 155 -7.03 -21.02 -3.27
CA ALA B 155 -7.27 -20.01 -2.23
C ALA B 155 -8.03 -18.72 -2.61
N LEU B 156 -7.56 -17.98 -3.61
CA LEU B 156 -8.29 -16.80 -4.10
C LEU B 156 -9.29 -17.08 -5.21
N GLU B 157 -9.20 -18.23 -5.88
CA GLU B 157 -10.31 -18.73 -6.69
C GLU B 157 -11.44 -19.02 -5.72
N ALA B 158 -11.10 -19.75 -4.64
CA ALA B 158 -12.03 -20.01 -3.56
C ALA B 158 -12.74 -18.72 -3.09
N LEU B 159 -11.98 -17.67 -2.82
CA LEU B 159 -12.54 -16.40 -2.36
C LEU B 159 -13.44 -15.73 -3.42
N ALA B 160 -13.02 -15.83 -4.69
CA ALA B 160 -13.80 -15.33 -5.83
C ALA B 160 -15.20 -15.96 -5.90
N SER B 161 -15.27 -17.29 -5.73
CA SER B 161 -16.52 -18.04 -5.77
C SER B 161 -17.51 -17.61 -4.67
N ALA B 162 -16.97 -17.25 -3.50
CA ALA B 162 -17.75 -17.16 -2.27
C ALA B 162 -18.13 -15.77 -1.78
N TYR B 163 -17.45 -14.73 -2.27
CA TYR B 163 -17.51 -13.36 -1.69
C TYR B 163 -18.88 -12.70 -1.96
N ARG B 164 -19.62 -13.13 -2.98
CA ARG B 164 -20.96 -12.53 -3.28
C ARG B 164 -22.05 -13.24 -2.47
N LEU B 165 -21.75 -14.39 -1.86
CA LEU B 165 -22.66 -15.01 -0.89
C LEU B 165 -22.91 -14.04 0.25
N PRO B 166 -23.97 -14.22 1.07
CA PRO B 166 -24.13 -13.42 2.28
C PRO B 166 -22.83 -13.47 3.11
N SER B 167 -22.42 -12.32 3.64
CA SER B 167 -21.11 -12.19 4.28
C SER B 167 -20.82 -13.26 5.33
N ASP B 168 -21.86 -13.65 6.10
CA ASP B 168 -21.71 -14.62 7.19
C ASP B 168 -21.52 -16.08 6.71
N CYS B 169 -21.69 -16.29 5.40
CA CYS B 169 -21.68 -17.61 4.78
C CYS B 169 -20.48 -17.77 3.86
N VAL B 170 -19.76 -16.67 3.65
CA VAL B 170 -18.62 -16.64 2.72
C VAL B 170 -17.56 -17.68 3.10
N SER B 171 -17.25 -17.75 4.40
CA SER B 171 -16.22 -18.66 4.90
C SER B 171 -16.55 -20.10 4.55
N SER B 172 -17.80 -20.47 4.83
CA SER B 172 -18.32 -21.79 4.48
C SER B 172 -18.19 -22.03 2.98
N GLY B 173 -18.51 -21.01 2.18
CA GLY B 173 -18.30 -21.03 0.74
C GLY B 173 -16.85 -21.35 0.41
N ILE B 174 -15.93 -20.52 0.91
CA ILE B 174 -14.50 -20.73 0.72
C ILE B 174 -14.10 -22.16 1.07
N ALA B 175 -14.49 -22.61 2.26
CA ALA B 175 -14.19 -23.96 2.73
C ALA B 175 -14.71 -25.04 1.79
N ASP B 176 -15.94 -24.87 1.31
CA ASP B 176 -16.57 -25.77 0.32
C ASP B 176 -15.67 -25.93 -0.91
N PHE B 177 -15.26 -24.80 -1.51
CA PHE B 177 -14.41 -24.76 -2.70
C PHE B 177 -13.10 -25.53 -2.48
N LEU B 178 -12.43 -25.30 -1.34
CA LEU B 178 -11.13 -25.90 -1.03
C LEU B 178 -11.19 -27.40 -0.75
N ALA B 179 -12.41 -27.91 -0.50
CA ALA B 179 -12.64 -29.34 -0.30
C ALA B 179 -12.86 -30.08 -1.63
N ASP B 180 -13.47 -29.38 -2.60
CA ASP B 180 -13.75 -29.85 -3.95
C ASP B 180 -14.35 -28.73 -4.82
N PRO B 181 -13.55 -28.18 -5.78
CA PRO B 181 -14.04 -27.21 -6.75
C PRO B 181 -14.24 -27.75 -8.17
N PRO B 182 -15.11 -27.12 -8.99
CA PRO B 182 -15.19 -27.41 -10.43
C PRO B 182 -14.50 -26.36 -11.31
N PRO B 183 -13.49 -26.73 -12.14
CA PRO B 183 -12.51 -25.78 -12.66
C PRO B 183 -12.50 -25.36 -14.14
N GLN B 184 -13.51 -25.81 -14.90
CA GLN B 184 -13.78 -25.34 -16.26
C GLN B 184 -14.50 -23.99 -16.16
N GLU B 185 -14.92 -23.64 -14.93
CA GLU B 185 -15.60 -22.38 -14.61
C GLU B 185 -15.10 -21.83 -13.25
N PHE B 186 -14.01 -21.03 -13.28
CA PHE B 186 -13.32 -20.59 -12.06
C PHE B 186 -13.52 -19.08 -11.80
#